data_1EXA
#
_entry.id   1EXA
#
_cell.length_a   59.672
_cell.length_b   59.672
_cell.length_c   155.545
_cell.angle_alpha   90.00
_cell.angle_beta   90.00
_cell.angle_gamma   90.00
#
_symmetry.space_group_name_H-M   'P 41 21 2'
#
loop_
_entity.id
_entity.type
_entity.pdbx_description
1 polymer 'RETINOIC ACID RECEPTOR GAMMA-2'
2 non-polymer 'R-3-FLUORO-4-[2-HYDROXY-2-(5,5,8,8-TETRAMETHYL-5,6,7,8,-TETRAHYDRO-NAPHTALEN-2-YL)-ACETYLAMINO]-BENZOIC ACID'
3 non-polymer DODECYL-ALPHA-D-MALTOSIDE
4 water water
#
_entity_poly.entity_id   1
_entity_poly.type   'polypeptide(L)'
_entity_poly.pdbx_seq_one_letter_code
;DSYELSPQLEELITKVSKAHQETFPSLCQLGKYTTNSSADHRVQLDLGLWDKFSELATKCIIKIVEFAKRLPGFTGLSIA
DQITLLKAACLDILMLRICTRYTPEQDTMTFSDGLTLNRTQMHNAGFGPLTDLVFAFAGQLLPLEMDDTETGLLSAICLI
CGDRMDLEEPEKVDKLQEPLLEALRLYARRRRPSQPYMFPRMLMKITDLRGISTKGAERAITLKMEIPGPMPPLIREMLE
NPEMFE
;
_entity_poly.pdbx_strand_id   A
#
# COMPACT_ATOMS: atom_id res chain seq x y z
N LEU A 5 8.06 20.42 -20.91
CA LEU A 5 7.50 20.69 -19.55
C LEU A 5 6.04 21.09 -19.61
N SER A 6 5.29 20.66 -18.60
CA SER A 6 3.88 20.91 -18.53
C SER A 6 3.44 21.42 -17.16
N PRO A 7 2.83 22.61 -17.13
CA PRO A 7 2.37 23.14 -15.86
C PRO A 7 1.35 22.19 -15.22
N GLN A 8 0.48 21.64 -16.06
CA GLN A 8 -0.55 20.73 -15.55
C GLN A 8 0.06 19.46 -14.98
N LEU A 9 1.10 18.95 -15.61
CA LEU A 9 1.73 17.74 -15.08
C LEU A 9 2.46 18.06 -13.76
N GLU A 10 3.10 19.22 -13.69
CA GLU A 10 3.78 19.53 -12.43
C GLU A 10 2.72 19.67 -11.32
N GLU A 11 1.56 20.26 -11.64
CA GLU A 11 0.52 20.39 -10.60
C GLU A 11 -0.02 19.03 -10.18
N LEU A 12 -0.05 18.09 -11.12
CA LEU A 12 -0.55 16.76 -10.81
C LEU A 12 0.44 16.09 -9.86
N ILE A 13 1.73 16.27 -10.09
CA ILE A 13 2.73 15.66 -9.22
C ILE A 13 2.56 16.16 -7.79
N THR A 14 2.45 17.45 -7.60
N THR A 14 2.41 17.48 -7.66
CA THR A 14 2.29 17.98 -6.26
CA THR A 14 2.24 18.16 -6.37
C THR A 14 0.96 17.57 -5.65
C THR A 14 0.96 17.69 -5.67
N LYS A 15 -0.11 17.55 -6.45
CA LYS A 15 -1.41 17.12 -5.91
C LYS A 15 -1.34 15.70 -5.35
N VAL A 16 -0.81 14.77 -6.13
CA VAL A 16 -0.71 13.39 -5.70
C VAL A 16 0.26 13.25 -4.54
N SER A 17 1.36 14.00 -4.58
CA SER A 17 2.33 13.94 -3.52
C SER A 17 1.72 14.36 -2.19
N LYS A 18 1.01 15.48 -2.21
CA LYS A 18 0.39 15.99 -0.99
C LYS A 18 -0.73 15.07 -0.51
N ALA A 19 -1.50 14.50 -1.45
CA ALA A 19 -2.57 13.57 -1.07
C ALA A 19 -1.98 12.36 -0.34
N HIS A 20 -0.85 11.88 -0.85
CA HIS A 20 -0.20 10.75 -0.22
C HIS A 20 0.33 11.12 1.18
N GLN A 21 1.08 12.20 1.27
CA GLN A 21 1.64 12.60 2.56
C GLN A 21 0.59 12.89 3.61
N GLU A 22 -0.51 13.51 3.18
CA GLU A 22 -1.59 13.85 4.10
C GLU A 22 -2.44 12.67 4.51
N THR A 23 -2.26 11.52 3.86
CA THR A 23 -3.00 10.32 4.26
C THR A 23 -2.03 9.21 4.68
N PHE A 24 -0.74 9.51 4.66
CA PHE A 24 0.25 8.53 5.06
C PHE A 24 1.53 9.14 5.64
N PRO A 25 1.61 9.25 6.97
CA PRO A 25 2.79 9.83 7.60
C PRO A 25 4.06 9.07 7.20
N SER A 26 5.15 9.80 7.02
CA SER A 26 6.42 9.16 6.67
C SER A 26 7.05 8.57 7.94
N LEU A 27 7.87 7.55 7.76
CA LEU A 27 8.53 6.86 8.86
C LEU A 27 9.26 7.85 9.79
N CYS A 28 9.97 8.81 9.21
CA CYS A 28 10.69 9.77 10.02
C CYS A 28 9.80 10.78 10.76
N GLN A 29 8.53 10.90 10.37
CA GLN A 29 7.62 11.83 11.04
C GLN A 29 6.84 11.15 12.16
N LEU A 30 7.09 9.87 12.37
CA LEU A 30 6.37 9.15 13.40
C LEU A 30 7.15 8.89 14.66
N GLY A 31 6.46 9.07 15.77
CA GLY A 31 7.04 8.76 17.06
C GLY A 31 6.73 7.29 17.30
N LYS A 32 7.75 6.45 17.18
CA LYS A 32 7.60 5.01 17.34
C LYS A 32 7.39 4.59 18.78
N TYR A 33 6.61 3.55 18.96
CA TYR A 33 6.37 2.96 20.28
C TYR A 33 6.24 1.47 20.06
N THR A 34 6.56 0.70 21.09
CA THR A 34 6.56 -0.74 20.97
C THR A 34 5.56 -1.39 21.91
N THR A 35 5.50 -2.71 21.84
CA THR A 35 4.63 -3.49 22.70
C THR A 35 5.46 -4.73 23.03
N ASN A 36 5.22 -5.36 24.17
CA ASN A 36 5.99 -6.56 24.46
C ASN A 36 5.19 -7.84 24.22
N SER A 37 4.04 -7.72 23.56
CA SER A 37 3.22 -8.92 23.30
C SER A 37 3.91 -9.90 22.35
N SER A 38 3.86 -11.20 22.70
CA SER A 38 4.44 -12.26 21.87
C SER A 38 5.65 -11.80 21.06
N ALA A 39 6.61 -11.19 21.74
CA ALA A 39 7.77 -10.63 21.05
C ALA A 39 8.93 -11.55 20.71
N ASP A 40 9.05 -12.67 21.40
CA ASP A 40 10.19 -13.56 21.18
C ASP A 40 9.98 -14.93 20.56
N HIS A 41 8.72 -15.34 20.41
N HIS A 41 8.71 -15.33 20.42
CA HIS A 41 8.43 -16.64 19.81
CA HIS A 41 8.39 -16.64 19.87
C HIS A 41 7.24 -16.55 18.86
C HIS A 41 7.21 -16.57 18.88
N ARG A 42 7.34 -17.21 17.71
CA ARG A 42 6.26 -17.21 16.73
C ARG A 42 5.17 -18.16 17.24
N VAL A 43 3.92 -17.74 17.12
CA VAL A 43 2.76 -18.54 17.52
C VAL A 43 1.75 -18.41 16.39
N GLN A 44 0.72 -19.24 16.38
CA GLN A 44 -0.27 -19.17 15.33
C GLN A 44 -0.92 -17.78 15.22
N LEU A 45 -1.34 -17.24 16.37
CA LEU A 45 -2.00 -15.94 16.40
C LEU A 45 -2.14 -15.37 17.82
N ASP A 46 -1.64 -14.15 18.02
CA ASP A 46 -1.75 -13.47 19.29
C ASP A 46 -2.98 -12.59 19.08
N LEU A 47 -4.06 -12.89 19.79
CA LEU A 47 -5.30 -12.15 19.61
C LEU A 47 -5.20 -10.67 19.95
N GLY A 48 -4.40 -10.33 20.94
CA GLY A 48 -4.25 -8.95 21.30
C GLY A 48 -3.60 -8.20 20.14
N LEU A 49 -2.58 -8.80 19.53
CA LEU A 49 -1.90 -8.14 18.39
C LEU A 49 -2.86 -8.07 17.18
N TRP A 50 -3.62 -9.14 16.92
CA TRP A 50 -4.55 -9.15 15.81
C TRP A 50 -5.57 -8.03 16.01
N ASP A 51 -6.05 -7.85 17.24
CA ASP A 51 -7.02 -6.80 17.43
C ASP A 51 -6.46 -5.44 17.11
N LYS A 52 -5.26 -5.15 17.58
N LYS A 52 -5.26 -5.14 17.58
CA LYS A 52 -4.63 -3.86 17.34
CA LYS A 52 -4.68 -3.84 17.31
C LYS A 52 -4.30 -3.68 15.86
C LYS A 52 -4.36 -3.70 15.82
N PHE A 53 -3.75 -4.73 15.26
CA PHE A 53 -3.39 -4.69 13.84
C PHE A 53 -4.61 -4.48 12.94
N SER A 54 -5.67 -5.26 13.14
CA SER A 54 -6.82 -5.16 12.27
C SER A 54 -7.46 -3.77 12.37
N GLU A 55 -7.39 -3.17 13.56
CA GLU A 55 -7.94 -1.82 13.75
C GLU A 55 -7.11 -0.84 12.92
N LEU A 56 -5.80 -0.99 12.95
CA LEU A 56 -4.89 -0.13 12.19
C LEU A 56 -5.10 -0.35 10.69
N ALA A 57 -5.34 -1.58 10.29
CA ALA A 57 -5.56 -1.87 8.87
C ALA A 57 -6.83 -1.19 8.41
N THR A 58 -7.90 -1.26 9.21
CA THR A 58 -9.14 -0.58 8.86
C THR A 58 -8.91 0.92 8.71
N LYS A 59 -8.17 1.51 9.64
CA LYS A 59 -7.91 2.93 9.57
C LYS A 59 -7.17 3.30 8.28
N CYS A 60 -6.22 2.45 7.87
CA CYS A 60 -5.49 2.73 6.65
C CYS A 60 -6.37 2.55 5.40
N ILE A 61 -7.32 1.63 5.41
CA ILE A 61 -8.23 1.50 4.28
C ILE A 61 -8.99 2.83 4.11
N ILE A 62 -9.46 3.40 5.21
CA ILE A 62 -10.17 4.66 5.12
C ILE A 62 -9.23 5.73 4.55
N LYS A 63 -7.97 5.73 4.98
CA LYS A 63 -6.99 6.71 4.46
C LYS A 63 -6.76 6.46 2.94
N ILE A 64 -6.76 5.20 2.50
CA ILE A 64 -6.55 4.95 1.07
C ILE A 64 -7.74 5.47 0.26
N VAL A 65 -8.96 5.29 0.77
CA VAL A 65 -10.12 5.84 0.07
C VAL A 65 -9.99 7.36 0.01
N GLU A 66 -9.55 7.97 1.11
N GLU A 66 -9.56 7.99 1.09
CA GLU A 66 -9.37 9.41 1.17
CA GLU A 66 -9.42 9.45 1.08
C GLU A 66 -8.35 9.86 0.13
C GLU A 66 -8.33 9.89 0.11
N PHE A 67 -7.25 9.11 0.04
CA PHE A 67 -6.21 9.42 -0.90
C PHE A 67 -6.80 9.33 -2.31
N ALA A 68 -7.56 8.27 -2.59
CA ALA A 68 -8.12 8.07 -3.93
C ALA A 68 -8.98 9.25 -4.36
N LYS A 69 -9.78 9.73 -3.42
CA LYS A 69 -10.68 10.82 -3.73
C LYS A 69 -10.00 12.11 -4.03
N ARG A 70 -8.74 12.23 -3.63
CA ARG A 70 -7.97 13.42 -3.93
C ARG A 70 -7.20 13.31 -5.23
N LEU A 71 -7.28 12.15 -5.88
CA LEU A 71 -6.58 11.99 -7.14
C LEU A 71 -7.41 12.64 -8.23
N PRO A 72 -6.80 13.55 -8.97
CA PRO A 72 -7.51 14.25 -10.05
C PRO A 72 -8.32 13.30 -10.95
N GLY A 73 -9.62 13.57 -11.07
CA GLY A 73 -10.53 12.80 -11.91
C GLY A 73 -11.15 11.54 -11.32
N PHE A 74 -10.66 11.08 -10.17
CA PHE A 74 -11.19 9.84 -9.60
C PHE A 74 -12.67 9.98 -9.26
N THR A 75 -13.05 11.12 -8.69
CA THR A 75 -14.45 11.31 -8.35
C THR A 75 -15.32 11.53 -9.57
N GLY A 76 -14.68 11.66 -10.75
CA GLY A 76 -15.41 11.80 -12.00
C GLY A 76 -15.83 10.46 -12.58
N LEU A 77 -15.28 9.38 -12.05
CA LEU A 77 -15.65 8.04 -12.50
C LEU A 77 -16.98 7.73 -11.80
N SER A 78 -17.69 6.73 -12.32
CA SER A 78 -18.95 6.33 -11.70
C SER A 78 -18.59 5.82 -10.30
N ILE A 79 -19.55 5.92 -9.38
CA ILE A 79 -19.30 5.44 -8.02
C ILE A 79 -19.00 3.94 -8.07
N ALA A 80 -19.69 3.21 -8.95
CA ALA A 80 -19.45 1.79 -9.10
C ALA A 80 -17.98 1.56 -9.50
N ASP A 81 -17.49 2.33 -10.47
CA ASP A 81 -16.09 2.15 -10.86
C ASP A 81 -15.11 2.54 -9.76
N GLN A 82 -15.44 3.58 -8.99
CA GLN A 82 -14.58 3.98 -7.88
C GLN A 82 -14.46 2.82 -6.89
N ILE A 83 -15.59 2.20 -6.58
CA ILE A 83 -15.59 1.10 -5.65
C ILE A 83 -14.86 -0.09 -6.25
N THR A 84 -15.08 -0.35 -7.53
CA THR A 84 -14.41 -1.49 -8.17
C THR A 84 -12.89 -1.29 -8.11
N LEU A 85 -12.45 -0.09 -8.42
CA LEU A 85 -11.00 0.18 -8.37
C LEU A 85 -10.42 0.02 -6.97
N LEU A 86 -11.09 0.58 -5.97
CA LEU A 86 -10.62 0.49 -4.59
C LEU A 86 -10.60 -0.97 -4.12
N LYS A 87 -11.63 -1.73 -4.44
CA LYS A 87 -11.64 -3.13 -4.00
C LYS A 87 -10.53 -3.92 -4.65
N ALA A 88 -10.21 -3.58 -5.90
CA ALA A 88 -9.17 -4.31 -6.58
C ALA A 88 -7.74 -3.97 -6.18
N ALA A 89 -7.52 -2.74 -5.72
CA ALA A 89 -6.18 -2.28 -5.41
C ALA A 89 -5.86 -1.97 -3.96
N CYS A 90 -6.88 -1.98 -3.10
N CYS A 90 -6.87 -1.93 -3.09
CA CYS A 90 -6.61 -1.60 -1.73
CA CYS A 90 -6.57 -1.56 -1.70
C CYS A 90 -5.55 -2.45 -1.04
C CYS A 90 -5.54 -2.45 -1.01
N LEU A 91 -5.61 -3.76 -1.21
CA LEU A 91 -4.61 -4.59 -0.55
C LEU A 91 -3.20 -4.37 -1.16
N ASP A 92 -3.13 -4.09 -2.47
CA ASP A 92 -1.84 -3.79 -3.10
C ASP A 92 -1.25 -2.54 -2.41
N ILE A 93 -2.10 -1.53 -2.23
CA ILE A 93 -1.63 -0.28 -1.62
C ILE A 93 -1.31 -0.44 -0.14
N LEU A 94 -2.10 -1.26 0.56
CA LEU A 94 -1.82 -1.56 1.97
C LEU A 94 -0.45 -2.22 2.05
N MET A 95 -0.18 -3.15 1.13
CA MET A 95 1.14 -3.82 1.17
C MET A 95 2.28 -2.86 0.87
N LEU A 96 2.12 -1.98 -0.12
CA LEU A 96 3.18 -1.03 -0.42
C LEU A 96 3.41 -0.11 0.78
N ARG A 97 2.32 0.30 1.37
CA ARG A 97 2.44 1.22 2.50
C ARG A 97 3.17 0.60 3.69
N ILE A 98 2.80 -0.62 4.11
CA ILE A 98 3.51 -1.16 5.27
C ILE A 98 4.98 -1.43 4.93
N CYS A 99 5.25 -1.80 3.69
CA CYS A 99 6.63 -2.10 3.31
C CYS A 99 7.49 -0.85 3.23
N THR A 100 6.88 0.32 3.05
CA THR A 100 7.67 1.54 3.06
C THR A 100 8.01 1.98 4.49
N ARG A 101 7.42 1.31 5.47
CA ARG A 101 7.62 1.64 6.89
C ARG A 101 8.57 0.62 7.53
N TYR A 102 9.39 -0.02 6.70
CA TYR A 102 10.34 -1.03 7.18
C TYR A 102 11.66 -0.38 7.64
N THR A 103 12.11 -0.74 8.85
CA THR A 103 13.39 -0.23 9.37
C THR A 103 14.27 -1.47 9.40
N PRO A 104 15.17 -1.64 8.42
CA PRO A 104 16.04 -2.82 8.37
C PRO A 104 16.97 -3.01 9.58
N GLU A 105 17.46 -1.93 10.17
CA GLU A 105 18.34 -2.02 11.34
C GLU A 105 17.67 -2.82 12.46
N GLN A 106 16.39 -2.53 12.70
CA GLN A 106 15.64 -3.18 13.75
C GLN A 106 14.76 -4.33 13.28
N ASP A 107 14.69 -4.54 11.96
CA ASP A 107 13.83 -5.57 11.35
C ASP A 107 12.39 -5.34 11.86
N THR A 108 11.93 -4.10 11.74
CA THR A 108 10.59 -3.75 12.22
C THR A 108 9.74 -3.06 11.15
N MET A 109 8.42 -3.06 11.35
CA MET A 109 7.55 -2.28 10.48
C MET A 109 6.73 -1.37 11.39
N THR A 110 6.44 -0.16 10.93
CA THR A 110 5.72 0.81 11.76
C THR A 110 4.40 1.25 11.17
N PHE A 111 3.36 1.22 12.00
CA PHE A 111 2.00 1.61 11.61
C PHE A 111 1.77 3.09 11.79
N SER A 112 0.63 3.58 11.33
CA SER A 112 0.40 5.03 11.33
C SER A 112 0.21 5.72 12.66
N ASP A 113 0.05 4.95 13.72
CA ASP A 113 -0.07 5.55 15.05
C ASP A 113 1.29 5.42 15.75
N GLY A 114 2.30 4.95 15.01
CA GLY A 114 3.63 4.78 15.56
C GLY A 114 3.95 3.37 16.05
N LEU A 115 2.94 2.51 16.15
CA LEU A 115 3.17 1.13 16.63
C LEU A 115 4.24 0.48 15.76
N THR A 116 5.32 0.04 16.41
CA THR A 116 6.43 -0.57 15.69
C THR A 116 6.57 -2.01 16.18
N LEU A 117 6.32 -2.93 15.25
CA LEU A 117 6.35 -4.37 15.57
C LEU A 117 7.56 -5.05 14.98
N ASN A 118 8.18 -5.98 15.72
CA ASN A 118 9.29 -6.69 15.12
C ASN A 118 8.69 -7.80 14.25
N ARG A 119 9.57 -8.50 13.52
CA ARG A 119 9.13 -9.55 12.62
C ARG A 119 8.27 -10.63 13.27
N THR A 120 8.69 -11.10 14.44
CA THR A 120 7.91 -12.12 15.10
C THR A 120 6.51 -11.60 15.49
N GLN A 121 6.44 -10.35 15.91
CA GLN A 121 5.16 -9.74 16.26
C GLN A 121 4.28 -9.56 15.03
N MET A 122 4.89 -9.19 13.90
CA MET A 122 4.09 -9.09 12.67
C MET A 122 3.53 -10.48 12.37
N HIS A 123 4.40 -11.50 12.47
CA HIS A 123 3.92 -12.86 12.24
C HIS A 123 2.71 -13.18 13.14
N ASN A 124 2.85 -12.87 14.44
CA ASN A 124 1.84 -13.18 15.44
C ASN A 124 0.59 -12.32 15.38
N ALA A 125 0.67 -11.20 14.67
CA ALA A 125 -0.47 -10.30 14.53
C ALA A 125 -1.41 -10.78 13.44
N GLY A 126 -0.94 -11.74 12.63
CA GLY A 126 -1.77 -12.28 11.57
C GLY A 126 -1.06 -12.58 10.28
N PHE A 127 0.14 -12.03 10.09
CA PHE A 127 0.85 -12.29 8.85
C PHE A 127 1.16 -13.77 8.69
N GLY A 128 1.40 -14.45 9.82
CA GLY A 128 1.64 -15.90 9.75
C GLY A 128 2.64 -16.34 8.72
N PRO A 129 2.31 -17.36 7.92
CA PRO A 129 3.23 -17.88 6.90
C PRO A 129 3.66 -16.90 5.80
N LEU A 130 3.04 -15.73 5.74
CA LEU A 130 3.37 -14.75 4.73
C LEU A 130 4.40 -13.74 5.25
N THR A 131 4.67 -13.77 6.55
CA THR A 131 5.58 -12.80 7.16
C THR A 131 6.90 -12.56 6.45
N ASP A 132 7.66 -13.62 6.23
CA ASP A 132 8.96 -13.39 5.61
C ASP A 132 8.94 -12.96 4.17
N LEU A 133 7.89 -13.32 3.43
CA LEU A 133 7.77 -12.89 2.04
C LEU A 133 7.51 -11.39 2.03
N VAL A 134 6.67 -10.91 2.96
CA VAL A 134 6.38 -9.48 3.05
C VAL A 134 7.66 -8.72 3.43
N PHE A 135 8.39 -9.21 4.42
CA PHE A 135 9.64 -8.54 4.78
C PHE A 135 10.66 -8.56 3.63
N ALA A 136 10.66 -9.64 2.84
CA ALA A 136 11.61 -9.72 1.72
C ALA A 136 11.23 -8.69 0.65
N PHE A 137 9.94 -8.51 0.41
CA PHE A 137 9.52 -7.53 -0.58
C PHE A 137 9.96 -6.17 -0.05
N ALA A 138 9.76 -5.95 1.25
CA ALA A 138 10.16 -4.67 1.79
C ALA A 138 11.66 -4.48 1.62
N GLY A 139 12.42 -5.54 1.86
CA GLY A 139 13.85 -5.46 1.68
C GLY A 139 14.24 -5.11 0.26
N GLN A 140 13.57 -5.68 -0.72
CA GLN A 140 13.88 -5.43 -2.15
C GLN A 140 13.38 -4.07 -2.62
N LEU A 141 12.56 -3.43 -1.81
CA LEU A 141 12.06 -2.10 -2.17
C LEU A 141 13.12 -1.05 -1.74
N LEU A 142 13.86 -1.35 -0.69
CA LEU A 142 14.88 -0.41 -0.18
C LEU A 142 15.84 0.15 -1.23
N PRO A 143 16.46 -0.72 -2.04
CA PRO A 143 17.41 -0.30 -3.09
C PRO A 143 16.87 0.78 -4.02
N LEU A 144 15.55 0.78 -4.23
CA LEU A 144 14.98 1.78 -5.11
C LEU A 144 15.03 3.16 -4.50
N GLU A 145 15.16 3.22 -3.18
CA GLU A 145 15.22 4.51 -2.47
C GLU A 145 14.17 5.51 -2.94
N MET A 146 12.94 5.04 -3.12
CA MET A 146 11.86 5.91 -3.55
C MET A 146 11.56 6.95 -2.49
N ASP A 147 11.07 8.09 -2.94
CA ASP A 147 10.68 9.09 -1.97
C ASP A 147 9.16 9.11 -1.87
N ASP A 148 8.60 9.96 -1.03
CA ASP A 148 7.16 9.94 -0.86
C ASP A 148 6.34 10.33 -2.09
N THR A 149 6.87 11.23 -2.92
CA THR A 149 6.18 11.58 -4.15
C THR A 149 6.10 10.34 -5.03
N GLU A 150 7.21 9.61 -5.12
CA GLU A 150 7.24 8.42 -5.96
C GLU A 150 6.30 7.35 -5.42
N THR A 151 6.30 7.15 -4.12
CA THR A 151 5.40 6.17 -3.53
C THR A 151 3.94 6.59 -3.77
N GLY A 152 3.66 7.89 -3.66
CA GLY A 152 2.30 8.31 -3.93
C GLY A 152 1.86 8.10 -5.38
N LEU A 153 2.74 8.46 -6.32
CA LEU A 153 2.37 8.27 -7.71
C LEU A 153 2.23 6.77 -8.06
N LEU A 154 3.15 5.94 -7.53
CA LEU A 154 3.05 4.49 -7.81
C LEU A 154 1.73 3.97 -7.25
N SER A 155 1.40 4.43 -6.06
CA SER A 155 0.13 3.98 -5.50
C SER A 155 -1.06 4.36 -6.37
N ALA A 156 -1.04 5.60 -6.86
CA ALA A 156 -2.11 6.10 -7.73
C ALA A 156 -2.16 5.26 -9.02
N ILE A 157 -1.00 4.89 -9.54
CA ILE A 157 -0.98 4.07 -10.76
C ILE A 157 -1.57 2.66 -10.52
N CYS A 158 -1.33 2.12 -9.34
N CYS A 158 -1.32 2.12 -9.34
CA CYS A 158 -1.84 0.81 -8.97
CA CYS A 158 -1.82 0.82 -8.97
C CYS A 158 -3.36 0.88 -8.90
C CYS A 158 -3.34 0.86 -8.83
N LEU A 159 -3.86 1.95 -8.29
CA LEU A 159 -5.30 2.11 -8.13
C LEU A 159 -6.05 2.39 -9.43
N ILE A 160 -5.56 3.36 -10.20
CA ILE A 160 -6.24 3.79 -11.42
C ILE A 160 -5.74 2.97 -12.58
N CYS A 161 -6.37 1.82 -12.71
N CYS A 161 -6.31 1.80 -12.75
CA CYS A 161 -6.01 0.80 -13.68
CA CYS A 161 -5.89 0.94 -13.84
C CYS A 161 -7.21 0.28 -14.47
C CYS A 161 -7.11 0.29 -14.48
N GLY A 162 -7.18 0.43 -15.79
CA GLY A 162 -8.30 -0.06 -16.57
C GLY A 162 -8.46 -1.53 -16.85
N ASP A 163 -7.58 -2.36 -16.35
CA ASP A 163 -7.68 -3.80 -16.58
C ASP A 163 -8.57 -4.49 -15.56
N ARG A 164 -8.98 -3.76 -14.53
CA ARG A 164 -9.80 -4.38 -13.51
C ARG A 164 -11.12 -4.86 -14.08
N MET A 165 -11.45 -6.09 -13.70
CA MET A 165 -12.69 -6.69 -14.14
C MET A 165 -13.90 -5.91 -13.61
N ASP A 166 -14.97 -5.88 -14.38
CA ASP A 166 -16.22 -5.24 -13.97
C ASP A 166 -16.25 -3.71 -14.01
N LEU A 167 -15.24 -3.10 -14.63
CA LEU A 167 -15.27 -1.66 -14.77
C LEU A 167 -16.33 -1.31 -15.81
N GLU A 168 -17.07 -0.24 -15.56
CA GLU A 168 -18.10 0.21 -16.49
C GLU A 168 -17.47 1.00 -17.63
N GLU A 169 -16.45 1.79 -17.30
CA GLU A 169 -15.80 2.64 -18.32
C GLU A 169 -14.30 2.49 -18.24
N PRO A 170 -13.78 1.32 -18.62
CA PRO A 170 -12.34 1.11 -18.55
C PRO A 170 -11.48 2.10 -19.36
N GLU A 171 -12.01 2.59 -20.46
CA GLU A 171 -11.27 3.55 -21.25
C GLU A 171 -11.10 4.87 -20.52
N LYS A 172 -12.10 5.27 -19.73
CA LYS A 172 -11.99 6.51 -18.98
C LYS A 172 -10.91 6.33 -17.91
N VAL A 173 -10.87 5.14 -17.32
CA VAL A 173 -9.87 4.85 -16.31
C VAL A 173 -8.48 4.89 -16.97
N ASP A 174 -8.35 4.21 -18.11
CA ASP A 174 -7.07 4.25 -18.84
C ASP A 174 -6.59 5.68 -19.06
N LYS A 175 -7.51 6.56 -19.47
CA LYS A 175 -7.17 7.95 -19.71
C LYS A 175 -6.71 8.69 -18.48
N LEU A 176 -7.27 8.34 -17.32
CA LEU A 176 -6.85 8.96 -16.08
C LEU A 176 -5.47 8.45 -15.65
N GLN A 177 -5.15 7.20 -16.00
CA GLN A 177 -3.86 6.66 -15.60
C GLN A 177 -2.72 7.28 -16.40
N GLU A 178 -2.99 7.60 -17.67
CA GLU A 178 -1.92 8.14 -18.51
C GLU A 178 -1.06 9.26 -17.89
N PRO A 179 -1.66 10.36 -17.42
CA PRO A 179 -0.79 11.39 -16.85
C PRO A 179 -0.04 10.97 -15.59
N LEU A 180 -0.59 10.01 -14.83
CA LEU A 180 0.11 9.54 -13.64
C LEU A 180 1.41 8.86 -14.05
N LEU A 181 1.37 8.05 -15.11
CA LEU A 181 2.60 7.38 -15.58
C LEU A 181 3.59 8.40 -16.12
N GLU A 182 3.11 9.39 -16.87
CA GLU A 182 3.99 10.44 -17.40
C GLU A 182 4.60 11.19 -16.24
N ALA A 183 3.78 11.50 -15.24
CA ALA A 183 4.27 12.23 -14.07
C ALA A 183 5.37 11.48 -13.31
N LEU A 184 5.18 10.18 -13.11
CA LEU A 184 6.18 9.40 -12.40
C LEU A 184 7.49 9.32 -13.17
N ARG A 185 7.44 9.13 -14.47
CA ARG A 185 8.68 9.04 -15.23
C ARG A 185 9.40 10.39 -15.18
N LEU A 186 8.65 11.46 -15.42
CA LEU A 186 9.27 12.80 -15.37
C LEU A 186 9.94 13.05 -14.04
N TYR A 187 9.20 12.82 -12.96
CA TYR A 187 9.71 13.09 -11.62
C TYR A 187 10.92 12.24 -11.27
N ALA A 188 10.81 10.94 -11.54
CA ALA A 188 11.90 10.03 -11.18
C ALA A 188 13.20 10.32 -11.95
N ARG A 189 13.09 10.64 -13.23
CA ARG A 189 14.30 10.91 -14.01
C ARG A 189 14.92 12.23 -13.60
N ARG A 190 14.07 13.20 -13.28
CA ARG A 190 14.59 14.50 -12.84
C ARG A 190 15.29 14.40 -11.49
N ARG A 191 14.74 13.62 -10.57
CA ARG A 191 15.34 13.50 -9.27
C ARG A 191 16.66 12.73 -9.29
N ARG A 192 16.72 11.67 -10.11
CA ARG A 192 17.94 10.87 -10.22
C ARG A 192 18.26 10.57 -11.67
N PRO A 193 18.79 11.56 -12.38
CA PRO A 193 19.13 11.41 -13.79
C PRO A 193 20.19 10.36 -14.11
N SER A 194 21.02 10.01 -13.14
CA SER A 194 22.03 8.99 -13.39
C SER A 194 21.55 7.55 -13.14
N GLN A 195 20.28 7.38 -12.84
CA GLN A 195 19.72 6.05 -12.61
C GLN A 195 18.46 5.90 -13.44
N PRO A 196 18.61 5.83 -14.77
CA PRO A 196 17.47 5.70 -15.69
C PRO A 196 16.60 4.46 -15.60
N TYR A 197 17.04 3.43 -14.88
CA TYR A 197 16.21 2.24 -14.75
C TYR A 197 15.25 2.37 -13.57
N MET A 198 15.30 3.49 -12.86
N MET A 198 15.30 3.49 -12.88
CA MET A 198 14.40 3.57 -11.71
CA MET A 198 14.42 3.67 -11.73
C MET A 198 12.93 3.55 -12.09
C MET A 198 12.95 3.56 -12.09
N PHE A 199 12.52 4.31 -13.10
CA PHE A 199 11.11 4.26 -13.51
C PHE A 199 10.65 2.84 -13.89
N PRO A 200 11.39 2.16 -14.79
CA PRO A 200 10.87 0.81 -15.09
C PRO A 200 10.94 -0.15 -13.91
N ARG A 201 11.92 0.03 -13.02
CA ARG A 201 12.00 -0.85 -11.85
C ARG A 201 10.77 -0.58 -10.99
N MET A 202 10.39 0.70 -10.86
CA MET A 202 9.19 0.99 -10.06
C MET A 202 7.93 0.37 -10.66
N LEU A 203 7.76 0.47 -11.98
CA LEU A 203 6.59 -0.11 -12.59
C LEU A 203 6.55 -1.63 -12.41
N MET A 204 7.70 -2.29 -12.46
N MET A 204 7.71 -2.26 -12.44
CA MET A 204 7.68 -3.72 -12.25
CA MET A 204 7.77 -3.70 -12.26
C MET A 204 7.31 -4.10 -10.81
C MET A 204 7.40 -4.12 -10.83
N LYS A 205 7.48 -3.18 -9.87
CA LYS A 205 7.10 -3.50 -8.49
C LYS A 205 5.59 -3.70 -8.37
N ILE A 206 4.84 -3.14 -9.32
CA ILE A 206 3.39 -3.29 -9.29
C ILE A 206 3.04 -4.77 -9.42
N THR A 207 3.70 -5.46 -10.34
CA THR A 207 3.43 -6.87 -10.51
C THR A 207 3.81 -7.64 -9.23
N ASP A 208 4.94 -7.28 -8.61
CA ASP A 208 5.35 -7.94 -7.36
C ASP A 208 4.28 -7.71 -6.30
N LEU A 209 3.82 -6.47 -6.18
CA LEU A 209 2.78 -6.12 -5.22
C LEU A 209 1.53 -6.94 -5.45
N ARG A 210 1.14 -7.10 -6.72
CA ARG A 210 -0.07 -7.88 -6.93
C ARG A 210 0.14 -9.29 -6.46
N GLY A 211 1.38 -9.80 -6.60
CA GLY A 211 1.64 -11.15 -6.17
C GLY A 211 1.55 -11.28 -4.65
N ILE A 212 2.07 -10.28 -3.95
N ILE A 212 2.11 -10.31 -3.95
CA ILE A 212 2.04 -10.26 -2.50
CA ILE A 212 2.10 -10.32 -2.50
C ILE A 212 0.61 -10.09 -2.02
C ILE A 212 0.69 -10.05 -2.00
N SER A 213 -0.15 -9.22 -2.67
N SER A 213 -0.07 -9.27 -2.76
CA SER A 213 -1.55 -9.02 -2.30
CA SER A 213 -1.45 -8.97 -2.39
C SER A 213 -2.34 -10.30 -2.52
C SER A 213 -2.29 -10.25 -2.55
N THR A 214 -2.02 -11.02 -3.60
CA THR A 214 -2.74 -12.27 -3.85
C THR A 214 -2.49 -13.22 -2.69
N LYS A 215 -1.24 -13.35 -2.27
CA LYS A 215 -0.92 -14.21 -1.14
C LYS A 215 -1.55 -13.67 0.16
N GLY A 216 -1.68 -12.35 0.24
CA GLY A 216 -2.30 -11.76 1.43
C GLY A 216 -3.77 -12.13 1.51
N ALA A 217 -4.44 -12.21 0.37
CA ALA A 217 -5.84 -12.56 0.33
C ALA A 217 -5.97 -14.02 0.71
N GLU A 218 -5.02 -14.85 0.26
CA GLU A 218 -5.04 -16.27 0.61
C GLU A 218 -4.80 -16.41 2.13
N ARG A 219 -3.93 -15.59 2.69
CA ARG A 219 -3.67 -15.66 4.12
C ARG A 219 -4.91 -15.21 4.92
N ALA A 220 -5.65 -14.24 4.38
CA ALA A 220 -6.86 -13.79 5.06
C ALA A 220 -7.87 -14.94 5.20
N ILE A 221 -7.92 -15.82 4.20
CA ILE A 221 -8.83 -16.97 4.24
C ILE A 221 -8.50 -17.90 5.42
N THR A 222 -7.23 -18.22 5.61
CA THR A 222 -6.89 -19.10 6.72
C THR A 222 -7.02 -18.36 8.06
N LEU A 223 -6.60 -17.11 8.09
CA LEU A 223 -6.68 -16.31 9.30
C LEU A 223 -8.11 -16.27 9.84
N LYS A 224 -9.09 -16.25 8.94
CA LYS A 224 -10.50 -16.20 9.31
C LYS A 224 -10.86 -17.36 10.23
N MET A 225 -10.17 -18.48 10.05
CA MET A 225 -10.41 -19.66 10.86
C MET A 225 -9.67 -19.61 12.19
N GLU A 226 -8.78 -18.63 12.33
CA GLU A 226 -8.00 -18.52 13.55
C GLU A 226 -8.53 -17.45 14.50
N ILE A 227 -9.35 -16.54 14.00
CA ILE A 227 -9.87 -15.49 14.87
C ILE A 227 -11.26 -15.85 15.39
N PRO A 228 -11.61 -15.36 16.59
CA PRO A 228 -12.91 -15.65 17.20
C PRO A 228 -14.15 -15.15 16.45
N GLY A 229 -14.05 -13.98 15.81
CA GLY A 229 -15.20 -13.49 15.08
C GLY A 229 -14.84 -13.11 13.67
N PRO A 230 -15.76 -12.45 12.93
CA PRO A 230 -15.45 -12.06 11.55
C PRO A 230 -14.46 -10.90 11.52
N MET A 231 -13.76 -10.76 10.40
CA MET A 231 -12.81 -9.67 10.27
C MET A 231 -13.61 -8.38 10.18
N PRO A 232 -12.96 -7.24 10.49
CA PRO A 232 -13.57 -5.90 10.45
C PRO A 232 -14.28 -5.74 9.10
N PRO A 233 -15.43 -5.07 9.09
CA PRO A 233 -16.21 -4.87 7.87
C PRO A 233 -15.54 -4.25 6.65
N LEU A 234 -14.71 -3.24 6.87
CA LEU A 234 -14.03 -2.62 5.74
C LEU A 234 -12.99 -3.57 5.17
N ILE A 235 -12.45 -4.43 6.02
CA ILE A 235 -11.49 -5.42 5.52
C ILE A 235 -12.26 -6.44 4.66
N ARG A 236 -13.44 -6.86 5.10
CA ARG A 236 -14.24 -7.80 4.28
C ARG A 236 -14.61 -7.17 2.93
N GLU A 237 -14.92 -5.87 2.92
CA GLU A 237 -15.25 -5.20 1.67
C GLU A 237 -14.12 -5.30 0.69
N MET A 238 -12.90 -5.12 1.19
CA MET A 238 -11.71 -5.16 0.36
C MET A 238 -11.45 -6.56 -0.17
N LEU A 239 -11.68 -7.57 0.67
CA LEU A 239 -11.45 -8.95 0.28
C LEU A 239 -12.50 -9.56 -0.65
N GLU A 240 -13.67 -8.93 -0.78
CA GLU A 240 -14.66 -9.50 -1.71
C GLU A 240 -14.36 -9.01 -3.11
#